data_6OQN
#
_entry.id   6OQN
#
_cell.length_a   43.549
_cell.length_b   83.953
_cell.length_c   89.168
_cell.angle_alpha   90.00
_cell.angle_beta   90.00
_cell.angle_gamma   90.00
#
_symmetry.space_group_name_H-M   'P 21 21 21'
#
loop_
_entity.id
_entity.type
_entity.pdbx_description
1 polymer 'Induced myeloid leukemia cell differentiation protein Mcl-1'
2 non-polymer "(4S)-5'-chloro-2',3',7,8,9,10,11,12-octahydro-3H,5H,14H-spiro[1,19-etheno-16lambda~6~-[1,4]oxazepino[3,4-i][1,4,5,10]oxathiadiazacyclohexadecine-4,1'-indene]-16,16,18(15H,17H)-trione"
3 water water
#
_entity_poly.entity_id   1
_entity_poly.type   'polypeptide(L)'
_entity_poly.pdbx_seq_one_letter_code
;EDELYRQSLEIISRYLREQATGAKDTKPMGRSGATSRKALETLRRVGDGVQRNHETAFQGMLRKLDIKNEDDVKSLSRVM
IHVFSDGVTNWGRIVTLISFGAFVAKHLKTINQESCIEPLAESITDVLVRTKRDWLVKQRGWDGFVEFFHVEDLEGG
;
_entity_poly.pdbx_strand_id   A,B
#
loop_
_chem_comp.id
_chem_comp.type
_chem_comp.name
_chem_comp.formula
N0P non-polymer (4S)-5'-chloro-2',3',7,8,9,10,11,12-octahydro-3H,5H,14H-spiro[1,19-etheno-16lambda~6~-[1,4]oxazepino[3,4-i][1,4,5,10]oxathiadiazacyclohexadecine-4,1'-indene]-16,16,18(15H,17H)-trione 'C26 H31 Cl N2 O5 S'
#
# COMPACT_ATOMS: atom_id res chain seq x y z
N GLU A 1 22.59 12.57 20.55
CA GLU A 1 21.95 12.12 21.81
C GLU A 1 21.14 10.82 21.47
N ASP A 2 19.85 10.92 21.13
CA ASP A 2 19.10 9.75 20.71
C ASP A 2 18.67 10.19 19.31
N GLU A 3 19.58 10.10 18.34
CA GLU A 3 19.30 10.53 16.98
C GLU A 3 18.18 9.75 16.28
N LEU A 4 18.02 8.48 16.64
CA LEU A 4 16.98 7.65 16.04
C LEU A 4 15.60 8.16 16.47
N TYR A 5 15.47 8.46 17.75
CA TYR A 5 14.19 8.95 18.24
C TYR A 5 13.84 10.32 17.64
N ARG A 6 14.82 11.22 17.63
CA ARG A 6 14.62 12.56 17.10
C ARG A 6 14.23 12.54 15.63
N GLN A 7 14.96 11.76 14.83
CA GLN A 7 14.64 11.67 13.40
C GLN A 7 13.25 11.08 13.21
N SER A 8 12.94 10.05 13.98
CA SER A 8 11.64 9.40 13.90
C SER A 8 10.53 10.39 14.20
N LEU A 9 10.70 11.19 15.25
CA LEU A 9 9.68 12.16 15.64
C LEU A 9 9.48 13.19 14.53
N GLU A 10 10.56 13.71 13.98
CA GLU A 10 10.41 14.69 12.91
C GLU A 10 9.70 14.13 11.69
N ILE A 11 10.00 12.89 11.33
CA ILE A 11 9.40 12.26 10.16
C ILE A 11 7.92 11.98 10.39
N ILE A 12 7.61 11.36 11.53
CA ILE A 12 6.24 11.02 11.86
C ILE A 12 5.39 12.27 12.12
N SER A 13 5.97 13.24 12.81
CA SER A 13 5.25 14.46 13.10
C SER A 13 4.91 15.22 11.82
N ARG A 14 5.89 15.37 10.94
CA ARG A 14 5.67 16.06 9.67
C ARG A 14 4.64 15.39 8.78
N TYR A 15 4.63 14.06 8.75
CA TYR A 15 3.66 13.35 7.91
C TYR A 15 2.25 13.55 8.45
N LEU A 16 2.07 13.35 9.75
CA LEU A 16 0.74 13.53 10.35
C LEU A 16 0.19 14.93 10.14
N ARG A 17 0.99 15.95 10.40
CA ARG A 17 0.54 17.32 10.23
C ARG A 17 0.22 17.66 8.76
N GLU A 18 1.07 17.17 7.86
CA GLU A 18 0.87 17.40 6.44
C GLU A 18 -0.45 16.77 6.01
N GLN A 19 -0.68 15.55 6.50
CA GLN A 19 -1.89 14.82 6.20
C GLN A 19 -3.13 15.55 6.72
N ALA A 20 -3.04 16.04 7.95
CA ALA A 20 -4.16 16.77 8.56
C ALA A 20 -4.45 18.12 7.90
N THR A 21 -3.41 18.91 7.65
CA THR A 21 -3.57 20.24 7.08
C THR A 21 -3.63 20.24 5.55
N GLY A 22 -2.99 19.25 4.95
CA GLY A 22 -2.96 19.18 3.51
C GLY A 22 -1.91 20.11 2.92
N ALA A 23 -1.04 20.66 3.76
CA ALA A 23 0.01 21.55 3.30
C ALA A 23 1.38 21.10 3.76
N LYS A 24 2.35 21.27 2.87
CA LYS A 24 3.73 20.88 3.12
C LYS A 24 4.44 21.87 4.06
N ASP A 25 5.28 21.33 4.96
CA ASP A 25 6.01 22.17 5.91
C ASP A 25 7.35 22.41 5.20
N THR A 26 7.61 23.66 4.85
CA THR A 26 8.82 24.00 4.14
C THR A 26 10.06 24.17 5.01
N LYS A 27 9.92 24.08 6.34
CA LYS A 27 11.10 24.19 7.21
C LYS A 27 12.15 23.16 6.88
N PRO A 28 13.44 23.46 7.09
CA PRO A 28 14.47 22.47 6.82
C PRO A 28 14.32 21.32 7.81
N MET A 29 14.76 20.13 7.41
CA MET A 29 14.70 19.00 8.32
C MET A 29 15.93 19.21 9.21
N GLY A 30 15.95 18.53 10.35
CA GLY A 30 17.10 18.68 11.21
C GLY A 30 18.24 17.83 10.68
N ARG A 31 18.93 17.19 11.60
CA ARG A 31 20.04 16.33 11.26
C ARG A 31 19.58 15.22 10.32
N SER A 32 20.44 14.77 9.41
CA SER A 32 20.08 13.70 8.47
C SER A 32 18.88 14.11 7.63
N GLY A 33 18.86 15.37 7.23
CA GLY A 33 17.76 15.90 6.44
C GLY A 33 17.50 15.21 5.12
N ALA A 34 18.56 14.81 4.41
CA ALA A 34 18.37 14.15 3.12
C ALA A 34 17.54 12.87 3.34
N THR A 35 17.93 12.09 4.33
CA THR A 35 17.22 10.86 4.64
C THR A 35 15.77 11.08 5.06
N SER A 36 15.56 12.01 5.98
CA SER A 36 14.21 12.33 6.47
C SER A 36 13.31 12.81 5.33
N ARG A 37 13.89 13.56 4.41
CA ARG A 37 13.11 14.04 3.27
C ARG A 37 12.66 12.87 2.42
N LYS A 38 13.59 11.97 2.13
CA LYS A 38 13.30 10.79 1.33
C LYS A 38 12.28 9.93 2.03
N ALA A 39 12.40 9.87 3.36
CA ALA A 39 11.49 9.09 4.18
C ALA A 39 10.08 9.64 4.06
N LEU A 40 9.96 10.97 4.11
CA LEU A 40 8.66 11.61 4.00
C LEU A 40 8.07 11.36 2.60
N GLU A 41 8.92 11.38 1.56
CA GLU A 41 8.53 11.14 0.17
C GLU A 41 7.94 9.75 0.09
N THR A 42 8.65 8.84 0.74
CA THR A 42 8.22 7.47 0.80
C THR A 42 6.90 7.29 1.52
N LEU A 43 6.71 7.93 2.67
CA LEU A 43 5.44 7.83 3.39
C LEU A 43 4.29 8.43 2.59
N ARG A 44 4.56 9.48 1.82
CA ARG A 44 3.51 10.08 0.98
C ARG A 44 3.07 9.10 -0.09
N ARG A 45 4.02 8.29 -0.52
CA ARG A 45 3.80 7.30 -1.55
C ARG A 45 3.10 6.06 -1.03
N VAL A 46 3.71 5.36 -0.07
CA VAL A 46 3.10 4.13 0.45
C VAL A 46 2.08 4.33 1.57
N GLY A 47 2.26 5.36 2.37
CA GLY A 47 1.33 5.62 3.46
C GLY A 47 -0.06 5.96 2.97
N ASP A 48 -0.11 6.89 2.01
CA ASP A 48 -1.39 7.32 1.43
C ASP A 48 -2.14 6.11 0.90
N GLY A 49 -1.42 5.26 0.18
CA GLY A 49 -2.03 4.07 -0.39
C GLY A 49 -2.66 3.13 0.63
N VAL A 50 -1.96 2.91 1.73
CA VAL A 50 -2.45 2.03 2.78
C VAL A 50 -3.81 2.50 3.31
N GLN A 51 -3.92 3.80 3.56
CA GLN A 51 -5.17 4.37 4.05
C GLN A 51 -6.34 4.08 3.12
N ARG A 52 -6.05 3.99 1.83
CA ARG A 52 -7.08 3.72 0.82
C ARG A 52 -7.30 2.22 0.64
N ASN A 53 -6.22 1.44 0.56
CA ASN A 53 -6.37 0.00 0.40
C ASN A 53 -7.12 -0.65 1.58
N HIS A 54 -7.01 -0.05 2.77
CA HIS A 54 -7.68 -0.58 3.95
C HIS A 54 -8.71 0.38 4.52
N GLU A 55 -9.34 1.10 3.61
CA GLU A 55 -10.38 2.09 3.89
C GLU A 55 -11.38 1.57 4.87
N THR A 56 -12.02 0.45 4.56
CA THR A 56 -13.02 -0.15 5.43
C THR A 56 -12.51 -0.51 6.83
N ALA A 57 -11.38 -1.22 6.89
CA ALA A 57 -10.79 -1.61 8.17
C ALA A 57 -10.35 -0.40 8.98
N PHE A 58 -9.79 0.60 8.30
CA PHE A 58 -9.35 1.83 8.95
C PHE A 58 -10.51 2.59 9.59
N GLN A 59 -11.58 2.80 8.83
CA GLN A 59 -12.72 3.53 9.38
C GLN A 59 -13.34 2.62 10.49
N GLY A 60 -13.27 1.30 10.32
CA GLY A 60 -13.82 0.41 11.34
C GLY A 60 -13.08 0.52 12.67
N MET A 61 -11.75 0.61 12.59
CA MET A 61 -10.94 0.73 13.79
C MET A 61 -11.11 2.11 14.42
N LEU A 62 -11.24 3.13 13.58
CA LEU A 62 -11.40 4.50 14.06
C LEU A 62 -12.69 4.61 14.86
N ARG A 63 -13.76 4.02 14.33
CA ARG A 63 -15.03 4.03 15.03
C ARG A 63 -14.95 3.32 16.38
N LYS A 64 -14.27 2.16 16.38
CA LYS A 64 -14.10 1.35 17.59
C LYS A 64 -13.40 2.14 18.68
N LEU A 65 -12.43 2.96 18.27
CA LEU A 65 -11.66 3.77 19.21
C LEU A 65 -12.44 4.97 19.78
N ASP A 66 -13.44 5.44 19.06
CA ASP A 66 -14.27 6.57 19.51
C ASP A 66 -13.45 7.69 20.14
N ILE A 67 -12.69 8.39 19.31
CA ILE A 67 -11.82 9.46 19.77
C ILE A 67 -12.57 10.78 19.75
N LYS A 68 -12.79 11.34 20.94
CA LYS A 68 -13.52 12.60 21.08
C LYS A 68 -12.76 13.69 21.81
N ASN A 69 -11.80 13.32 22.63
CA ASN A 69 -11.06 14.31 23.41
C ASN A 69 -9.61 13.92 23.66
N GLU A 70 -8.95 14.66 24.55
CA GLU A 70 -7.56 14.40 24.89
C GLU A 70 -7.34 13.08 25.65
N ASP A 71 -8.30 12.70 26.49
CA ASP A 71 -8.14 11.46 27.23
C ASP A 71 -8.24 10.24 26.34
N ASP A 72 -9.02 10.34 25.26
CA ASP A 72 -9.15 9.23 24.33
C ASP A 72 -7.83 9.10 23.56
N VAL A 73 -7.23 10.25 23.26
CA VAL A 73 -5.98 10.25 22.53
C VAL A 73 -4.90 9.61 23.39
N LYS A 74 -4.90 9.93 24.67
CA LYS A 74 -3.92 9.35 25.57
C LYS A 74 -4.09 7.85 25.65
N SER A 75 -5.33 7.36 25.53
CA SER A 75 -5.58 5.92 25.60
C SER A 75 -5.04 5.13 24.41
N LEU A 76 -4.72 5.83 23.32
CA LEU A 76 -4.24 5.17 22.10
C LEU A 76 -2.92 4.42 22.21
N SER A 77 -2.01 4.90 23.07
CA SER A 77 -0.72 4.24 23.24
C SER A 77 -0.89 2.78 23.64
N ARG A 78 -1.82 2.52 24.55
CA ARG A 78 -2.07 1.15 25.00
C ARG A 78 -2.52 0.27 23.82
N VAL A 79 -3.38 0.82 22.98
CA VAL A 79 -3.88 0.06 21.82
C VAL A 79 -2.75 -0.16 20.81
N MET A 80 -1.87 0.82 20.67
CA MET A 80 -0.77 0.67 19.73
C MET A 80 0.19 -0.44 20.16
N ILE A 81 0.51 -0.47 21.45
CA ILE A 81 1.38 -1.51 21.92
C ILE A 81 0.72 -2.88 21.79
N HIS A 82 -0.58 -2.91 22.04
CA HIS A 82 -1.35 -4.14 21.94
C HIS A 82 -1.39 -4.67 20.49
N VAL A 83 -1.77 -3.81 19.55
CA VAL A 83 -1.87 -4.22 18.15
C VAL A 83 -0.59 -4.20 17.31
N PHE A 84 0.22 -3.16 17.45
CA PHE A 84 1.45 -3.06 16.67
C PHE A 84 2.65 -3.79 17.26
N SER A 85 3.01 -3.44 18.48
CA SER A 85 4.16 -4.05 19.14
C SER A 85 4.11 -5.57 19.26
N ASP A 86 2.99 -6.07 19.77
CA ASP A 86 2.83 -7.51 19.95
C ASP A 86 2.56 -8.23 18.62
N GLY A 87 3.59 -8.35 17.80
CA GLY A 87 3.45 -9.03 16.52
C GLY A 87 4.83 -9.02 15.86
N VAL A 88 5.04 -9.85 14.84
CA VAL A 88 6.33 -9.86 14.17
C VAL A 88 6.45 -8.54 13.43
N THR A 89 7.61 -7.91 13.55
CA THR A 89 7.86 -6.63 12.94
C THR A 89 8.34 -6.71 11.51
N ASN A 90 7.85 -5.79 10.68
CA ASN A 90 8.24 -5.66 9.28
C ASN A 90 7.85 -4.24 8.86
N TRP A 91 8.50 -3.71 7.82
CA TRP A 91 8.23 -2.35 7.39
C TRP A 91 6.75 -2.08 7.09
N GLY A 92 6.05 -3.07 6.57
CA GLY A 92 4.64 -2.90 6.27
C GLY A 92 3.84 -2.54 7.50
N ARG A 93 4.05 -3.27 8.59
CA ARG A 93 3.32 -3.00 9.83
C ARG A 93 3.69 -1.62 10.38
N ILE A 94 4.93 -1.20 10.15
CA ILE A 94 5.37 0.11 10.60
C ILE A 94 4.67 1.18 9.79
N VAL A 95 4.50 0.93 8.50
CA VAL A 95 3.81 1.90 7.64
C VAL A 95 2.34 1.98 8.05
N THR A 96 1.76 0.85 8.44
CA THR A 96 0.37 0.87 8.87
C THR A 96 0.25 1.61 10.20
N LEU A 97 1.23 1.42 11.08
CA LEU A 97 1.24 2.11 12.37
C LEU A 97 1.19 3.62 12.13
N ILE A 98 2.08 4.09 11.27
CA ILE A 98 2.17 5.52 10.96
C ILE A 98 1.01 6.02 10.11
N SER A 99 0.53 5.18 9.20
CA SER A 99 -0.58 5.55 8.32
C SER A 99 -1.90 5.67 9.06
N PHE A 100 -2.17 4.75 9.96
CA PHE A 100 -3.40 4.85 10.72
C PHE A 100 -3.25 6.08 11.60
N GLY A 101 -2.01 6.38 11.98
CA GLY A 101 -1.76 7.56 12.81
C GLY A 101 -2.19 8.81 12.05
N ALA A 102 -1.87 8.87 10.76
CA ALA A 102 -2.24 10.01 9.92
C ALA A 102 -3.77 10.06 9.78
N PHE A 103 -4.37 8.87 9.66
CA PHE A 103 -5.81 8.73 9.54
C PHE A 103 -6.45 9.37 10.79
N VAL A 104 -5.88 9.07 11.95
CA VAL A 104 -6.38 9.61 13.22
C VAL A 104 -6.10 11.11 13.28
N ALA A 105 -4.99 11.54 12.71
CA ALA A 105 -4.64 12.95 12.71
C ALA A 105 -5.66 13.76 11.94
N LYS A 106 -6.05 13.26 10.77
CA LYS A 106 -7.09 13.94 9.96
C LYS A 106 -8.40 13.97 10.73
N HIS A 107 -8.68 12.90 11.48
CA HIS A 107 -9.92 12.82 12.25
C HIS A 107 -9.89 13.89 13.31
N LEU A 108 -8.78 13.98 14.05
CA LEU A 108 -8.63 14.98 15.09
C LEU A 108 -8.91 16.40 14.57
N LYS A 109 -8.51 16.68 13.32
CA LYS A 109 -8.74 17.99 12.69
C LYS A 109 -10.23 18.18 12.44
N THR A 110 -10.91 17.13 11.96
CA THR A 110 -12.35 17.21 11.67
C THR A 110 -13.18 17.47 12.91
N ILE A 111 -12.71 17.00 14.05
CA ILE A 111 -13.46 17.24 15.28
C ILE A 111 -12.83 18.39 16.05
N ASN A 112 -12.10 19.25 15.33
CA ASN A 112 -11.44 20.41 15.92
C ASN A 112 -10.64 20.11 17.20
N GLN A 113 -9.71 19.17 17.10
CA GLN A 113 -8.85 18.79 18.21
C GLN A 113 -7.46 18.70 17.61
N GLU A 114 -7.14 19.67 16.75
CA GLU A 114 -5.85 19.72 16.05
C GLU A 114 -4.65 19.78 16.98
N SER A 115 -4.85 20.30 18.19
CA SER A 115 -3.75 20.42 19.14
C SER A 115 -3.30 19.05 19.66
N CYS A 116 -4.07 18.01 19.41
CA CYS A 116 -3.70 16.67 19.86
C CYS A 116 -2.82 15.95 18.85
N ILE A 117 -2.59 16.57 17.70
CA ILE A 117 -1.79 15.92 16.67
C ILE A 117 -0.32 15.72 17.01
N GLU A 118 0.35 16.76 17.49
CA GLU A 118 1.76 16.58 17.82
C GLU A 118 1.91 15.63 19.00
N PRO A 119 1.02 15.71 20.00
CA PRO A 119 1.14 14.79 21.13
C PRO A 119 0.97 13.35 20.61
N LEU A 120 0.06 13.17 19.65
CA LEU A 120 -0.16 11.85 19.08
C LEU A 120 1.09 11.36 18.34
N ALA A 121 1.71 12.24 17.56
CA ALA A 121 2.92 11.87 16.83
C ALA A 121 3.99 11.40 17.83
N GLU A 122 4.03 12.04 18.99
CA GLU A 122 5.00 11.70 20.01
C GLU A 122 4.72 10.30 20.54
N SER A 123 3.45 10.03 20.82
CA SER A 123 3.05 8.72 21.33
C SER A 123 3.41 7.61 20.35
N ILE A 124 3.15 7.85 19.08
CA ILE A 124 3.46 6.86 18.05
C ILE A 124 4.96 6.62 17.98
N THR A 125 5.72 7.73 18.00
CA THR A 125 7.16 7.62 17.93
C THR A 125 7.68 6.87 19.15
N ASP A 126 7.05 7.10 20.29
CA ASP A 126 7.45 6.41 21.51
C ASP A 126 7.24 4.91 21.36
N VAL A 127 6.11 4.53 20.78
CA VAL A 127 5.81 3.11 20.60
C VAL A 127 6.76 2.47 19.59
N LEU A 128 6.94 3.14 18.46
CA LEU A 128 7.81 2.61 17.42
C LEU A 128 9.26 2.43 17.87
N VAL A 129 9.86 3.51 18.33
CA VAL A 129 11.25 3.48 18.75
C VAL A 129 11.55 2.76 20.05
N ARG A 130 10.78 3.02 21.08
CA ARG A 130 11.06 2.41 22.37
C ARG A 130 10.72 0.93 22.50
N THR A 131 9.89 0.41 21.60
CA THR A 131 9.56 -1.02 21.65
C THR A 131 10.20 -1.81 20.50
N LYS A 132 10.68 -1.12 19.47
CA LYS A 132 11.29 -1.82 18.34
C LYS A 132 12.68 -1.31 17.93
N ARG A 133 13.40 -0.67 18.85
CA ARG A 133 14.73 -0.12 18.52
C ARG A 133 15.69 -1.15 17.92
N ASP A 134 15.76 -2.33 18.53
CA ASP A 134 16.67 -3.33 18.01
C ASP A 134 16.37 -3.74 16.57
N TRP A 135 15.10 -3.89 16.24
CA TRP A 135 14.73 -4.27 14.87
C TRP A 135 15.08 -3.12 13.92
N LEU A 136 14.73 -1.91 14.32
CA LEU A 136 14.99 -0.72 13.52
C LEU A 136 16.48 -0.58 13.22
N VAL A 137 17.31 -0.76 14.25
CA VAL A 137 18.75 -0.64 14.05
C VAL A 137 19.27 -1.74 13.10
N LYS A 138 18.81 -2.97 13.31
CA LYS A 138 19.25 -4.07 12.48
C LYS A 138 18.81 -3.89 11.03
N GLN A 139 17.73 -3.16 10.81
CA GLN A 139 17.21 -2.92 9.46
C GLN A 139 17.69 -1.58 8.88
N ARG A 140 18.73 -1.01 9.50
CA ARG A 140 19.33 0.24 9.05
C ARG A 140 18.50 1.52 9.22
N GLY A 141 17.63 1.52 10.22
CA GLY A 141 16.81 2.68 10.49
C GLY A 141 16.09 3.28 9.30
N TRP A 142 16.04 4.60 9.25
CA TRP A 142 15.35 5.26 8.15
C TRP A 142 16.06 5.14 6.82
N ASP A 143 17.38 4.97 6.83
CA ASP A 143 18.09 4.78 5.57
C ASP A 143 17.56 3.45 5.02
N GLY A 144 17.37 2.49 5.92
CA GLY A 144 16.88 1.18 5.54
C GLY A 144 15.44 1.25 5.05
N PHE A 145 14.66 2.15 5.62
CA PHE A 145 13.27 2.35 5.25
C PHE A 145 13.22 2.84 3.79
N VAL A 146 14.00 3.87 3.49
CA VAL A 146 14.05 4.42 2.14
C VAL A 146 14.50 3.39 1.11
N GLU A 147 15.52 2.63 1.43
CA GLU A 147 16.02 1.60 0.52
C GLU A 147 14.98 0.52 0.29
N PHE A 148 14.28 0.14 1.36
CA PHE A 148 13.27 -0.89 1.28
C PHE A 148 12.20 -0.57 0.24
N PHE A 149 11.74 0.68 0.24
CA PHE A 149 10.69 1.11 -0.68
C PHE A 149 11.16 1.82 -1.94
N HIS A 150 12.47 1.83 -2.19
CA HIS A 150 13.04 2.48 -3.38
C HIS A 150 12.46 1.96 -4.69
N VAL A 151 11.98 2.87 -5.54
CA VAL A 151 11.41 2.48 -6.84
C VAL A 151 12.42 2.57 -7.98
N GLU B 1 -19.73 -5.10 -27.71
CA GLU B 1 -18.37 -5.53 -27.26
C GLU B 1 -18.23 -5.35 -25.74
N ASP B 2 -17.24 -6.01 -25.15
CA ASP B 2 -17.02 -5.92 -23.71
C ASP B 2 -15.90 -4.94 -23.41
N GLU B 3 -16.22 -3.65 -23.35
CA GLU B 3 -15.20 -2.63 -23.11
C GLU B 3 -14.52 -2.73 -21.75
N LEU B 4 -15.26 -3.14 -20.72
CA LEU B 4 -14.68 -3.28 -19.39
C LEU B 4 -13.61 -4.36 -19.41
N TYR B 5 -13.91 -5.49 -20.05
CA TYR B 5 -12.94 -6.57 -20.10
C TYR B 5 -11.68 -6.17 -20.87
N ARG B 6 -11.87 -5.55 -22.03
CA ARG B 6 -10.74 -5.13 -22.85
C ARG B 6 -9.85 -4.12 -22.14
N GLN B 7 -10.47 -3.12 -21.52
CA GLN B 7 -9.69 -2.11 -20.80
C GLN B 7 -8.93 -2.77 -19.66
N SER B 8 -9.61 -3.64 -18.93
CA SER B 8 -8.98 -4.35 -17.81
C SER B 8 -7.77 -5.14 -18.27
N LEU B 9 -7.92 -5.88 -19.37
CA LEU B 9 -6.82 -6.69 -19.88
C LEU B 9 -5.62 -5.81 -20.22
N GLU B 10 -5.86 -4.71 -20.94
CA GLU B 10 -4.78 -3.82 -21.30
C GLU B 10 -4.05 -3.26 -20.08
N ILE B 11 -4.81 -2.86 -19.07
CA ILE B 11 -4.22 -2.27 -17.86
C ILE B 11 -3.44 -3.30 -17.06
N ILE B 12 -4.07 -4.46 -16.84
CA ILE B 12 -3.43 -5.51 -16.07
C ILE B 12 -2.23 -6.09 -16.82
N SER B 13 -2.35 -6.26 -18.13
CA SER B 13 -1.27 -6.80 -18.94
C SER B 13 -0.07 -5.87 -18.98
N ARG B 14 -0.32 -4.58 -19.18
CA ARG B 14 0.76 -3.61 -19.23
C ARG B 14 1.51 -3.49 -17.91
N TYR B 15 0.80 -3.58 -16.80
CA TYR B 15 1.44 -3.49 -15.50
C TYR B 15 2.33 -4.71 -15.25
N LEU B 16 1.77 -5.91 -15.46
CA LEU B 16 2.54 -7.12 -15.26
C LEU B 16 3.80 -7.15 -16.12
N ARG B 17 3.65 -6.82 -17.41
CA ARG B 17 4.79 -6.82 -18.32
C ARG B 17 5.85 -5.77 -17.94
N GLU B 18 5.46 -4.56 -17.57
CA GLU B 18 6.50 -3.60 -17.21
C GLU B 18 7.15 -3.97 -15.87
N GLN B 19 6.39 -4.61 -14.99
CA GLN B 19 6.93 -5.05 -13.70
C GLN B 19 8.01 -6.11 -13.92
N ALA B 20 7.74 -7.04 -14.82
CA ALA B 20 8.70 -8.09 -15.12
C ALA B 20 9.92 -7.59 -15.90
N THR B 21 9.69 -6.81 -16.95
CA THR B 21 10.78 -6.32 -17.80
C THR B 21 11.48 -5.08 -17.24
N GLY B 22 10.75 -4.30 -16.46
CA GLY B 22 11.29 -3.09 -15.90
C GLY B 22 11.31 -1.95 -16.90
N ALA B 23 10.57 -2.07 -17.99
CA ALA B 23 10.52 -1.04 -19.01
C ALA B 23 9.10 -0.69 -19.40
N LYS B 24 8.82 0.62 -19.47
CA LYS B 24 7.50 1.15 -19.83
C LYS B 24 7.18 0.94 -21.31
N ASP B 25 5.92 0.65 -21.62
CA ASP B 25 5.53 0.44 -23.02
C ASP B 25 5.05 1.78 -23.55
N THR B 26 5.75 2.31 -24.56
CA THR B 26 5.39 3.60 -25.15
C THR B 26 4.20 3.51 -26.14
N LYS B 27 3.68 2.31 -26.37
CA LYS B 27 2.55 2.13 -27.28
C LYS B 27 1.30 2.77 -26.66
N PRO B 28 0.46 3.38 -27.49
CA PRO B 28 -0.72 3.98 -26.87
C PRO B 28 -1.72 2.94 -26.42
N MET B 29 -2.65 3.33 -25.56
CA MET B 29 -3.68 2.42 -25.11
C MET B 29 -4.76 2.46 -26.13
N GLY B 30 -5.75 1.61 -25.97
CA GLY B 30 -6.83 1.61 -26.93
C GLY B 30 -7.80 2.71 -26.51
N ARG B 31 -9.10 2.46 -26.68
CA ARG B 31 -10.12 3.43 -26.27
C ARG B 31 -9.98 3.72 -24.80
N SER B 32 -10.55 4.85 -24.38
CA SER B 32 -10.52 5.30 -22.99
C SER B 32 -9.10 5.26 -22.53
N GLY B 33 -8.22 5.76 -23.40
CA GLY B 33 -6.80 5.82 -23.14
C GLY B 33 -6.36 6.67 -21.98
N ALA B 34 -6.97 7.85 -21.82
CA ALA B 34 -6.63 8.74 -20.72
C ALA B 34 -6.83 8.01 -19.39
N THR B 35 -7.93 7.28 -19.27
CA THR B 35 -8.22 6.56 -18.05
C THR B 35 -7.26 5.40 -17.77
N SER B 36 -7.01 4.57 -18.77
CA SER B 36 -6.09 3.43 -18.62
C SER B 36 -4.70 3.93 -18.21
N ARG B 37 -4.34 5.10 -18.73
CA ARG B 37 -3.04 5.66 -18.41
C ARG B 37 -2.96 6.04 -16.94
N LYS B 38 -3.95 6.77 -16.46
CA LYS B 38 -3.99 7.18 -15.06
C LYS B 38 -4.11 5.91 -14.16
N ALA B 39 -4.80 4.89 -14.68
CA ALA B 39 -4.97 3.63 -13.95
C ALA B 39 -3.59 2.98 -13.79
N LEU B 40 -2.80 2.99 -14.85
CA LEU B 40 -1.47 2.39 -14.79
C LEU B 40 -0.57 3.18 -13.83
N GLU B 41 -0.65 4.52 -13.87
CA GLU B 41 0.15 5.35 -12.99
C GLU B 41 -0.26 5.05 -11.54
N THR B 42 -1.55 4.79 -11.37
CA THR B 42 -2.06 4.47 -10.04
C THR B 42 -1.50 3.14 -9.52
N LEU B 43 -1.42 2.14 -10.39
CA LEU B 43 -0.87 0.83 -10.00
C LEU B 43 0.62 0.90 -9.71
N ARG B 44 1.35 1.72 -10.46
CA ARG B 44 2.77 1.85 -10.22
C ARG B 44 2.96 2.45 -8.85
N ARG B 45 1.99 3.27 -8.46
CA ARG B 45 2.04 3.94 -7.18
C ARG B 45 1.61 3.04 -6.04
N VAL B 46 0.37 2.56 -6.07
CA VAL B 46 -0.14 1.72 -5.00
C VAL B 46 0.23 0.24 -5.07
N GLY B 47 0.31 -0.31 -6.29
CA GLY B 47 0.66 -1.71 -6.43
C GLY B 47 2.07 -2.04 -5.98
N ASP B 48 3.03 -1.21 -6.40
CA ASP B 48 4.43 -1.41 -6.03
C ASP B 48 4.54 -1.50 -4.51
N GLY B 49 3.86 -0.59 -3.83
CA GLY B 49 3.88 -0.54 -2.38
C GLY B 49 3.37 -1.80 -1.71
N VAL B 50 2.24 -2.31 -2.17
CA VAL B 50 1.65 -3.53 -1.61
C VAL B 50 2.68 -4.68 -1.62
N GLN B 51 3.37 -4.85 -2.74
CA GLN B 51 4.37 -5.91 -2.86
C GLN B 51 5.45 -5.80 -1.79
N ARG B 52 5.79 -4.58 -1.39
CA ARG B 52 6.80 -4.32 -0.37
C ARG B 52 6.21 -4.45 1.04
N ASN B 53 5.04 -3.84 1.27
CA ASN B 53 4.41 -3.91 2.58
C ASN B 53 4.07 -5.34 3.00
N HIS B 54 3.79 -6.20 2.03
CA HIS B 54 3.44 -7.58 2.33
C HIS B 54 4.47 -8.56 1.76
N GLU B 55 5.72 -8.11 1.72
CA GLU B 55 6.83 -8.90 1.19
C GLU B 55 6.87 -10.32 1.75
N THR B 56 6.84 -10.44 3.07
CA THR B 56 6.90 -11.76 3.70
C THR B 56 5.73 -12.66 3.27
N ALA B 57 4.51 -12.16 3.37
CA ALA B 57 3.33 -12.92 2.99
C ALA B 57 3.33 -13.24 1.49
N PHE B 58 3.77 -12.29 0.67
CA PHE B 58 3.84 -12.50 -0.76
C PHE B 58 4.82 -13.63 -1.07
N GLN B 59 6.01 -13.58 -0.49
CA GLN B 59 7.01 -14.62 -0.69
C GLN B 59 6.42 -15.96 -0.20
N GLY B 60 5.75 -15.90 0.94
CA GLY B 60 5.15 -17.09 1.50
C GLY B 60 4.14 -17.76 0.59
N MET B 61 3.28 -16.96 -0.02
CA MET B 61 2.26 -17.49 -0.92
C MET B 61 2.88 -17.99 -2.21
N LEU B 62 3.91 -17.30 -2.70
CA LEU B 62 4.57 -17.72 -3.95
C LEU B 62 5.19 -19.10 -3.75
N ARG B 63 5.88 -19.31 -2.65
CA ARG B 63 6.50 -20.63 -2.40
C ARG B 63 5.42 -21.70 -2.32
N LYS B 64 4.36 -21.39 -1.60
CA LYS B 64 3.27 -22.33 -1.44
C LYS B 64 2.66 -22.74 -2.78
N LEU B 65 2.70 -21.81 -3.74
CA LEU B 65 2.17 -22.07 -5.07
C LEU B 65 3.13 -22.91 -5.94
N ASP B 66 4.42 -22.85 -5.63
CA ASP B 66 5.45 -23.60 -6.37
C ASP B 66 5.21 -23.60 -7.87
N ILE B 67 5.43 -22.43 -8.47
CA ILE B 67 5.24 -22.26 -9.90
C ILE B 67 6.51 -22.58 -10.67
N LYS B 68 6.49 -23.69 -11.38
CA LYS B 68 7.65 -24.15 -12.16
C LYS B 68 7.39 -24.18 -13.67
N ASN B 69 6.13 -24.32 -14.10
CA ASN B 69 5.85 -24.44 -15.54
C ASN B 69 4.48 -23.90 -15.97
N GLU B 70 4.07 -24.23 -17.19
CA GLU B 70 2.79 -23.80 -17.74
C GLU B 70 1.58 -24.37 -16.99
N ASP B 71 1.68 -25.63 -16.56
CA ASP B 71 0.55 -26.25 -15.86
C ASP B 71 0.31 -25.62 -14.51
N ASP B 72 1.37 -25.18 -13.86
CA ASP B 72 1.25 -24.54 -12.56
C ASP B 72 0.59 -23.19 -12.73
N VAL B 73 0.92 -22.50 -13.82
CA VAL B 73 0.33 -21.20 -14.07
C VAL B 73 -1.16 -21.37 -14.31
N LYS B 74 -1.52 -22.45 -14.99
CA LYS B 74 -2.92 -22.69 -15.26
C LYS B 74 -3.70 -22.94 -13.98
N SER B 75 -3.05 -23.52 -12.98
CA SER B 75 -3.71 -23.81 -11.72
C SER B 75 -4.01 -22.59 -10.87
N LEU B 76 -3.38 -21.47 -11.19
CA LEU B 76 -3.57 -20.23 -10.44
C LEU B 76 -4.99 -19.69 -10.44
N SER B 77 -5.72 -19.91 -11.53
CA SER B 77 -7.09 -19.43 -11.63
C SER B 77 -7.95 -19.89 -10.46
N ARG B 78 -7.87 -21.19 -10.17
CA ARG B 78 -8.63 -21.77 -9.09
C ARG B 78 -8.30 -21.11 -7.74
N VAL B 79 -7.01 -20.82 -7.53
CA VAL B 79 -6.57 -20.20 -6.28
C VAL B 79 -7.06 -18.76 -6.21
N MET B 80 -7.05 -18.07 -7.35
CA MET B 80 -7.52 -16.70 -7.38
C MET B 80 -8.99 -16.62 -7.03
N ILE B 81 -9.79 -17.54 -7.58
CA ILE B 81 -11.23 -17.57 -7.29
C ILE B 81 -11.44 -17.88 -5.80
N HIS B 82 -10.65 -18.81 -5.31
CA HIS B 82 -10.71 -19.24 -3.91
C HIS B 82 -10.38 -18.11 -2.92
N VAL B 83 -9.25 -17.45 -3.14
CA VAL B 83 -8.78 -16.39 -2.25
C VAL B 83 -9.32 -14.97 -2.51
N PHE B 84 -9.38 -14.57 -3.77
CA PHE B 84 -9.86 -13.23 -4.10
C PHE B 84 -11.38 -13.11 -4.22
N SER B 85 -11.97 -13.90 -5.12
CA SER B 85 -13.40 -13.84 -5.35
C SER B 85 -14.27 -14.11 -4.11
N ASP B 86 -13.93 -15.16 -3.38
CA ASP B 86 -14.70 -15.53 -2.21
C ASP B 86 -14.36 -14.62 -1.04
N GLY B 87 -14.82 -13.38 -1.11
CA GLY B 87 -14.57 -12.43 -0.05
C GLY B 87 -15.25 -11.11 -0.35
N VAL B 88 -15.38 -10.24 0.64
CA VAL B 88 -16.01 -8.93 0.43
C VAL B 88 -15.09 -8.15 -0.48
N THR B 89 -15.64 -7.58 -1.54
CA THR B 89 -14.85 -6.84 -2.51
C THR B 89 -14.61 -5.39 -2.14
N ASN B 90 -13.39 -4.92 -2.40
CA ASN B 90 -12.99 -3.54 -2.18
C ASN B 90 -11.75 -3.31 -3.05
N TRP B 91 -11.48 -2.05 -3.40
CA TRP B 91 -10.33 -1.75 -4.25
C TRP B 91 -9.00 -2.29 -3.73
N GLY B 92 -8.82 -2.32 -2.42
CA GLY B 92 -7.57 -2.83 -1.86
C GLY B 92 -7.32 -4.27 -2.25
N ARG B 93 -8.35 -5.09 -2.15
CA ARG B 93 -8.23 -6.49 -2.51
C ARG B 93 -7.97 -6.65 -4.00
N ILE B 94 -8.53 -5.75 -4.80
CA ILE B 94 -8.32 -5.80 -6.24
C ILE B 94 -6.87 -5.44 -6.53
N VAL B 95 -6.35 -4.45 -5.80
CA VAL B 95 -4.95 -4.06 -5.99
C VAL B 95 -4.04 -5.20 -5.56
N THR B 96 -4.43 -5.95 -4.53
CA THR B 96 -3.61 -7.08 -4.10
C THR B 96 -3.68 -8.20 -5.14
N LEU B 97 -4.85 -8.40 -5.74
CA LEU B 97 -5.00 -9.41 -6.77
C LEU B 97 -4.03 -9.13 -7.90
N ILE B 98 -4.02 -7.88 -8.37
CA ILE B 98 -3.14 -7.49 -9.46
C ILE B 98 -1.67 -7.40 -9.06
N SER B 99 -1.41 -6.96 -7.84
CA SER B 99 -0.04 -6.81 -7.34
C SER B 99 0.65 -8.15 -7.15
N PHE B 100 -0.06 -9.11 -6.58
CA PHE B 100 0.53 -10.42 -6.41
C PHE B 100 0.72 -10.97 -7.83
N GLY B 101 -0.16 -10.55 -8.74
CA GLY B 101 -0.05 -10.99 -10.12
C GLY B 101 1.28 -10.53 -10.70
N ALA B 102 1.65 -9.27 -10.42
CA ALA B 102 2.91 -8.73 -10.91
C ALA B 102 4.07 -9.47 -10.24
N PHE B 103 3.89 -9.80 -8.97
CA PHE B 103 4.87 -10.52 -8.17
C PHE B 103 5.16 -11.83 -8.89
N VAL B 104 4.11 -12.52 -9.30
CA VAL B 104 4.25 -13.78 -10.02
C VAL B 104 4.86 -13.56 -11.39
N ALA B 105 4.55 -12.43 -12.04
CA ALA B 105 5.12 -12.15 -13.35
C ALA B 105 6.63 -12.03 -13.24
N LYS B 106 7.10 -11.34 -12.20
CA LYS B 106 8.53 -11.16 -11.99
C LYS B 106 9.18 -12.52 -11.79
N HIS B 107 8.50 -13.39 -11.06
CA HIS B 107 8.96 -14.75 -10.79
C HIS B 107 9.10 -15.53 -12.10
N LEU B 108 8.03 -15.54 -12.90
CA LEU B 108 8.01 -16.24 -14.19
C LEU B 108 9.19 -15.83 -15.07
N LYS B 109 9.54 -14.55 -15.02
CA LYS B 109 10.68 -14.11 -15.80
C LYS B 109 11.98 -14.63 -15.19
N THR B 110 12.06 -14.67 -13.86
CA THR B 110 13.25 -15.17 -13.16
C THR B 110 13.52 -16.65 -13.42
N ILE B 111 12.46 -17.40 -13.70
CA ILE B 111 12.62 -18.83 -13.99
C ILE B 111 12.46 -19.04 -15.48
N ASN B 112 12.57 -17.93 -16.23
CA ASN B 112 12.49 -17.94 -17.69
C ASN B 112 11.29 -18.70 -18.24
N GLN B 113 10.11 -18.21 -17.89
CA GLN B 113 8.84 -18.74 -18.32
C GLN B 113 8.08 -17.47 -18.62
N GLU B 114 8.84 -16.56 -19.23
CA GLU B 114 8.38 -15.23 -19.61
C GLU B 114 7.15 -15.22 -20.49
N SER B 115 7.00 -16.26 -21.30
CA SER B 115 5.87 -16.37 -22.21
C SER B 115 4.56 -16.65 -21.50
N CYS B 116 4.62 -16.93 -20.20
CA CYS B 116 3.40 -17.23 -19.44
C CYS B 116 2.82 -15.95 -18.84
N ILE B 117 3.51 -14.83 -19.03
CA ILE B 117 3.03 -13.58 -18.45
C ILE B 117 1.74 -13.08 -19.07
N GLU B 118 1.62 -13.12 -20.39
CA GLU B 118 0.39 -12.66 -21.03
C GLU B 118 -0.75 -13.56 -20.65
N PRO B 119 -0.54 -14.88 -20.71
CA PRO B 119 -1.59 -15.82 -20.36
C PRO B 119 -2.04 -15.56 -18.92
N LEU B 120 -1.09 -15.27 -18.03
CA LEU B 120 -1.43 -15.01 -16.64
C LEU B 120 -2.28 -13.75 -16.52
N ALA B 121 -1.92 -12.71 -17.26
CA ALA B 121 -2.67 -11.45 -17.23
C ALA B 121 -4.12 -11.71 -17.65
N GLU B 122 -4.30 -12.61 -18.60
CA GLU B 122 -5.64 -12.91 -19.07
C GLU B 122 -6.44 -13.64 -17.99
N SER B 123 -5.79 -14.58 -17.31
CA SER B 123 -6.46 -15.34 -16.25
C SER B 123 -6.92 -14.41 -15.13
N ILE B 124 -6.04 -13.49 -14.75
CA ILE B 124 -6.36 -12.53 -13.70
C ILE B 124 -7.54 -11.66 -14.13
N THR B 125 -7.47 -11.14 -15.36
CA THR B 125 -8.54 -10.30 -15.87
C THR B 125 -9.84 -11.08 -15.91
N ASP B 126 -9.75 -12.36 -16.23
CA ASP B 126 -10.94 -13.21 -16.27
C ASP B 126 -11.56 -13.32 -14.88
N VAL B 127 -10.72 -13.53 -13.86
CA VAL B 127 -11.23 -13.64 -12.51
C VAL B 127 -11.84 -12.34 -12.03
N LEU B 128 -11.12 -11.23 -12.24
CA LEU B 128 -11.59 -9.93 -11.80
C LEU B 128 -12.90 -9.51 -12.44
N VAL B 129 -12.93 -9.49 -13.77
CA VAL B 129 -14.11 -9.07 -14.50
C VAL B 129 -15.30 -10.02 -14.48
N ARG B 130 -15.05 -11.30 -14.72
CA ARG B 130 -16.12 -12.27 -14.79
C ARG B 130 -16.78 -12.59 -13.47
N THR B 131 -16.09 -12.38 -12.35
CA THR B 131 -16.69 -12.67 -11.04
C THR B 131 -17.09 -11.43 -10.25
N LYS B 132 -16.61 -10.26 -10.66
CA LYS B 132 -16.93 -9.04 -9.93
C LYS B 132 -17.44 -7.91 -10.80
N ARG B 133 -18.03 -8.24 -11.95
CA ARG B 133 -18.53 -7.20 -12.85
C ARG B 133 -19.55 -6.27 -12.21
N ASP B 134 -20.55 -6.80 -11.49
CA ASP B 134 -21.56 -5.93 -10.87
C ASP B 134 -20.89 -4.90 -9.92
N TRP B 135 -19.91 -5.35 -9.13
CA TRP B 135 -19.26 -4.45 -8.19
C TRP B 135 -18.45 -3.39 -8.91
N LEU B 136 -17.70 -3.81 -9.92
CA LEU B 136 -16.86 -2.91 -10.69
C LEU B 136 -17.72 -1.84 -11.34
N VAL B 137 -18.84 -2.24 -11.94
CA VAL B 137 -19.72 -1.28 -12.58
C VAL B 137 -20.30 -0.30 -11.56
N LYS B 138 -20.76 -0.81 -10.43
CA LYS B 138 -21.32 0.05 -9.40
C LYS B 138 -20.29 1.04 -8.85
N GLN B 139 -19.01 0.68 -8.89
CA GLN B 139 -17.95 1.55 -8.38
C GLN B 139 -17.29 2.37 -9.49
N ARG B 140 -17.96 2.47 -10.64
CA ARG B 140 -17.49 3.24 -11.78
C ARG B 140 -16.26 2.74 -12.53
N GLY B 141 -16.07 1.42 -12.52
CA GLY B 141 -14.95 0.83 -13.22
C GLY B 141 -13.60 1.47 -12.97
N TRP B 142 -12.81 1.59 -14.03
CA TRP B 142 -11.48 2.17 -13.88
C TRP B 142 -11.51 3.67 -13.61
N ASP B 143 -12.55 4.36 -14.04
CA ASP B 143 -12.63 5.79 -13.74
C ASP B 143 -12.75 5.84 -12.22
N GLY B 144 -13.54 4.92 -11.67
CA GLY B 144 -13.74 4.86 -10.24
C GLY B 144 -12.48 4.47 -9.50
N PHE B 145 -11.66 3.65 -10.15
CA PHE B 145 -10.39 3.20 -9.57
C PHE B 145 -9.47 4.40 -9.40
N VAL B 146 -9.34 5.20 -10.45
CA VAL B 146 -8.48 6.37 -10.42
C VAL B 146 -8.95 7.39 -9.38
N GLU B 147 -10.26 7.62 -9.33
CA GLU B 147 -10.80 8.58 -8.37
C GLU B 147 -10.55 8.11 -6.95
N PHE B 148 -10.73 6.82 -6.71
CA PHE B 148 -10.55 6.26 -5.37
C PHE B 148 -9.17 6.56 -4.81
N PHE B 149 -8.15 6.41 -5.66
CA PHE B 149 -6.78 6.61 -5.24
C PHE B 149 -6.16 7.97 -5.57
N HIS B 150 -6.97 8.89 -6.09
CA HIS B 150 -6.48 10.21 -6.44
C HIS B 150 -5.75 10.94 -5.33
N VAL B 151 -4.55 11.41 -5.66
CA VAL B 151 -3.65 12.12 -4.74
C VAL B 151 -4.13 13.54 -4.54
C1 N0P C . -1.67 4.48 15.43
C2 N0P C . -2.69 4.95 16.31
C3 N0P C . -3.69 4.11 16.85
O4 N0P C . -2.15 -7.46 10.88
O5 N0P C . -4.76 -4.48 8.90
C7 N0P C . -2.75 -2.72 12.42
C8 N0P C . -1.63 -3.38 11.93
C9 N0P C . -0.33 -2.90 12.12
C10 N0P C . -0.12 -1.72 12.84
C11 N0P C . -1.52 0.01 15.38
C12 N0P C . -3.58 0.61 14.01
C13 N0P C . -2.58 -1.51 13.14
C14 N0P C . -1.24 -1.03 13.35
C15 N0P C . -2.88 0.80 15.36
C16 N0P C . -1.80 -4.61 11.21
C19 N0P C . -5.60 -1.00 11.96
C20 N0P C . -6.76 -1.87 11.50
C21 N0P C . -4.62 1.70 16.94
C22 N0P C . -3.89 0.41 16.47
C24 N0P C . -6.44 -2.93 10.46
N1 N0P C . -3.69 -0.79 13.53
O1 N0P C . -0.91 0.09 14.10
O2 N0P C . -0.88 -5.08 10.51
N2 N0P C . -3.00 -5.21 11.36
C17 N0P C . -5.06 -1.34 13.38
C4 N0P C . -3.67 2.76 16.48
C5 N0P C . -2.68 2.26 15.62
C6 N0P C . -1.70 3.11 15.10
CL1 N0P C . -2.73 6.67 16.63
S1 N0P C . -3.21 -6.54 10.38
C23 N0P C . -2.76 -5.94 8.75
O3 N0P C . -4.65 -6.89 10.45
C18 N0P C . -4.06 -5.43 8.15
C25 N0P C . -5.63 -3.70 8.18
C26 N0P C . -6.12 -2.54 9.05
C1 N0P D . -2.91 -13.43 -8.57
C2 N0P D . -2.31 -14.66 -8.83
C3 N0P D . -2.30 -15.72 -7.89
O4 N0P D . -7.27 -10.74 3.18
O5 N0P D . -2.93 -10.37 2.50
C7 N0P D . -4.86 -11.99 -1.06
C8 N0P D . -5.81 -10.99 -0.84
C9 N0P D . -6.53 -10.39 -1.88
C10 N0P D . -6.34 -10.80 -3.20
C11 N0P D . -5.49 -13.57 -4.95
C12 N0P D . -3.15 -13.55 -4.02
C13 N0P D . -4.63 -12.42 -2.39
C14 N0P D . -5.40 -11.80 -3.46
C15 N0P D . -4.09 -14.25 -4.97
C16 N0P D . -6.07 -10.60 0.50
C19 N0P D . -1.70 -13.10 -1.09
C20 N0P D . -1.16 -13.43 0.29
C21 N0P D . -3.04 -16.49 -5.53
C22 N0P D . -4.08 -15.76 -4.61
C24 N0P D . -1.51 -12.46 1.43
N1 N0P D . -3.60 -13.33 -2.66
O1 N0P D . -5.30 -12.18 -4.81
O2 N0P D . -6.67 -9.54 0.71
N2 N0P D . -5.64 -11.48 1.46
C17 N0P D . -2.86 -14.04 -1.58
C4 N0P D . -2.91 -15.51 -6.64
C5 N0P D . -3.51 -14.28 -6.35
C6 N0P D . -3.52 -13.23 -7.30
CL1 N0P D . -1.47 -14.82 -10.35
S1 N0P D . -5.79 -10.86 2.99
C23 N0P D . -5.08 -9.24 2.95
O3 N0P D . -4.98 -11.69 3.87
C18 N0P D . -3.60 -9.40 3.26
C25 N0P D . -1.56 -10.16 2.52
C26 N0P D . -0.89 -11.10 1.50
#